data_3ERG
#
_entry.id   3ERG
#
_cell.length_a   79.28
_cell.length_b   94.09
_cell.length_c   125.11
_cell.angle_alpha   90.00
_cell.angle_beta   90.00
_cell.angle_gamma   90.00
#
_symmetry.space_group_name_H-M   'I 2 2 2'
#
loop_
_entity.id
_entity.type
_entity.pdbx_description
1 polymer 'Glutathione S-transferase 2'
2 non-polymer 'GLUTATHIONE SULFONIC ACID'
3 water water
#
_entity_poly.entity_id   1
_entity_poly.type   'polypeptide(L)'
_entity_poly.pdbx_seq_one_letter_code
;MNGRGFLIYNGGEKMKQKMIIYDTPAGPYPARVRIALAEKNMLSSVQFVRINLWKGEHKKPEFLAKNYSGTVPVLELDDG
TLIAECTAITEYIDALDGTPTLTGKTPLEKGVIHMMNKRAELELLDPVSVYFHHATPGLGPEVELYQNKEWGLRQRDKAL
HGMHYFDTVLRERPYVAGDSFSMADITVIAGLIFAAIVKLQVPEECEALRAWYKRMQQRPSVKKLLEIRSKSS
;
_entity_poly.pdbx_strand_id   A,B
#
loop_
_chem_comp.id
_chem_comp.type
_chem_comp.name
_chem_comp.formula
GTS non-polymer 'GLUTATHIONE SULFONIC ACID' 'C10 H17 N3 O9 S'
#
# COMPACT_ATOMS: atom_id res chain seq x y z
N MET A 19 11.00 -21.97 -3.47
CA MET A 19 10.28 -20.90 -2.69
C MET A 19 9.36 -21.48 -1.63
N ILE A 20 9.32 -20.83 -0.46
CA ILE A 20 8.39 -21.18 0.61
C ILE A 20 7.40 -20.03 0.88
N ILE A 21 6.10 -20.39 0.97
CA ILE A 21 5.03 -19.45 1.34
C ILE A 21 4.43 -19.87 2.67
N TYR A 22 4.45 -18.94 3.63
CA TYR A 22 3.76 -19.12 4.88
C TYR A 22 2.43 -18.40 4.73
N ASP A 23 1.33 -19.15 4.87
CA ASP A 23 -0.02 -18.61 4.75
C ASP A 23 -1.10 -19.49 5.37
N THR A 24 -2.36 -19.11 5.13
CA THR A 24 -3.50 -19.96 5.36
C THR A 24 -4.21 -20.11 3.98
N PRO A 25 -4.52 -21.35 3.57
CA PRO A 25 -4.96 -21.66 2.20
C PRO A 25 -6.21 -20.87 1.72
N ALA A 26 -7.16 -20.61 2.63
CA ALA A 26 -8.45 -19.99 2.28
C ALA A 26 -8.49 -18.47 2.53
N GLY A 27 -7.35 -17.90 2.94
CA GLY A 27 -7.26 -16.47 3.23
C GLY A 27 -7.32 -15.62 1.98
N PRO A 28 -8.08 -14.50 2.03
CA PRO A 28 -8.24 -13.61 0.87
C PRO A 28 -6.93 -12.98 0.44
N TYR A 29 -6.11 -12.51 1.39
CA TYR A 29 -4.81 -11.97 1.03
C TYR A 29 -3.89 -13.07 0.49
N PRO A 30 -3.84 -14.22 1.17
CA PRO A 30 -3.05 -15.35 0.58
C PRO A 30 -3.54 -15.74 -0.81
N ALA A 31 -4.85 -15.53 -1.08
CA ALA A 31 -5.36 -15.79 -2.42
C ALA A 31 -4.67 -14.95 -3.45
N ARG A 32 -4.28 -13.73 -3.07
CA ARG A 32 -3.61 -12.83 -4.04
C ARG A 32 -2.29 -13.42 -4.59
N VAL A 33 -1.54 -14.10 -3.73
CA VAL A 33 -0.25 -14.67 -4.12
C VAL A 33 -0.46 -16.03 -4.80
N ARG A 34 -1.47 -16.77 -4.36
CA ARG A 34 -1.76 -18.06 -4.97
C ARG A 34 -2.24 -17.91 -6.42
N ILE A 35 -3.02 -16.87 -6.68
CA ILE A 35 -3.51 -16.63 -8.02
C ILE A 35 -2.34 -16.13 -8.85
N ALA A 36 -1.53 -15.25 -8.29
CA ALA A 36 -0.41 -14.75 -9.05
C ALA A 36 0.56 -15.92 -9.36
N LEU A 37 0.77 -16.83 -8.41
CA LEU A 37 1.66 -17.97 -8.63
C LEU A 37 1.15 -18.82 -9.80
N ALA A 38 -0.14 -19.14 -9.81
CA ALA A 38 -0.75 -19.91 -10.90
C ALA A 38 -0.62 -19.18 -12.24
N GLU A 39 -0.80 -17.87 -12.20
CA GLU A 39 -0.82 -17.05 -13.40
C GLU A 39 0.57 -17.04 -14.03
N LYS A 40 1.59 -17.24 -13.20
CA LYS A 40 2.95 -17.27 -13.69
C LYS A 40 3.46 -18.70 -13.92
N ASN A 41 2.62 -19.70 -13.57
CA ASN A 41 2.97 -21.12 -13.67
C ASN A 41 4.14 -21.44 -12.77
N MET A 42 4.06 -20.97 -11.53
CA MET A 42 5.13 -21.15 -10.56
C MET A 42 4.60 -21.84 -9.36
N LEU A 43 3.31 -22.16 -9.41
CA LEU A 43 2.61 -22.75 -8.28
C LEU A 43 3.17 -24.09 -7.86
N SER A 44 3.81 -24.82 -8.78
CA SER A 44 4.40 -26.12 -8.39
C SER A 44 5.79 -25.92 -7.80
N SER A 45 6.40 -24.75 -7.99
CA SER A 45 7.71 -24.41 -7.43
C SER A 45 7.65 -23.94 -5.98
N VAL A 46 6.47 -23.94 -5.38
CA VAL A 46 6.32 -23.39 -4.04
C VAL A 46 5.86 -24.44 -3.04
N GLN A 47 6.43 -24.38 -1.84
CA GLN A 47 5.95 -25.17 -0.75
C GLN A 47 5.29 -24.27 0.28
N PHE A 48 4.10 -24.67 0.70
CA PHE A 48 3.21 -23.92 1.56
C PHE A 48 3.28 -24.45 2.97
N VAL A 49 3.40 -23.53 3.92
CA VAL A 49 3.44 -23.86 5.31
C VAL A 49 2.25 -23.18 5.96
N ARG A 50 1.51 -23.96 6.75
CA ARG A 50 0.32 -23.50 7.43
C ARG A 50 0.64 -22.60 8.59
N ILE A 51 -0.01 -21.45 8.61
CA ILE A 51 0.00 -20.56 9.77
C ILE A 51 -1.44 -20.49 10.27
N ASN A 52 -1.68 -20.93 11.50
CA ASN A 52 -3.06 -20.97 12.02
C ASN A 52 -3.50 -19.62 12.60
N LEU A 53 -4.30 -18.89 11.85
CA LEU A 53 -4.75 -17.55 12.34
C LEU A 53 -5.69 -17.62 13.56
N TRP A 54 -6.63 -18.59 13.54
CA TRP A 54 -7.55 -18.79 14.68
C TRP A 54 -6.80 -19.04 15.98
N LYS A 55 -5.64 -19.70 15.88
CA LYS A 55 -4.82 -19.95 17.08
C LYS A 55 -3.94 -18.77 17.46
N GLY A 56 -3.97 -17.72 16.64
CA GLY A 56 -3.18 -16.51 16.86
C GLY A 56 -1.69 -16.68 16.56
N GLU A 57 -1.36 -17.61 15.67
CA GLU A 57 0.01 -18.01 15.38
C GLU A 57 0.86 -16.89 14.75
N HIS A 58 0.19 -16.08 13.94
CA HIS A 58 0.74 -14.88 13.32
C HIS A 58 1.05 -13.76 14.35
N LYS A 59 0.54 -13.88 15.57
CA LYS A 59 0.74 -12.82 16.57
C LYS A 59 1.81 -13.19 17.60
N LYS A 60 2.31 -14.42 17.50
CA LYS A 60 3.31 -14.89 18.44
C LYS A 60 4.70 -14.52 17.95
N PRO A 61 5.64 -14.33 18.89
CA PRO A 61 6.98 -13.81 18.54
C PRO A 61 7.69 -14.61 17.45
N GLU A 62 7.49 -15.95 17.43
CA GLU A 62 8.09 -16.83 16.42
C GLU A 62 7.78 -16.37 14.98
N PHE A 63 6.51 -16.11 14.69
CA PHE A 63 6.14 -15.58 13.35
C PHE A 63 6.43 -14.08 13.20
N LEU A 64 6.37 -13.32 14.28
CA LEU A 64 6.74 -11.88 14.26
C LEU A 64 8.18 -11.61 13.83
N ALA A 65 9.10 -12.55 14.09
CA ALA A 65 10.48 -12.43 13.63
C ALA A 65 10.52 -12.56 12.13
N LYS A 66 9.64 -13.40 11.58
CA LYS A 66 9.54 -13.54 10.14
C LYS A 66 8.92 -12.31 9.50
N ASN A 67 7.85 -11.82 10.11
CA ASN A 67 7.10 -10.66 9.60
C ASN A 67 6.71 -9.76 10.77
N TYR A 68 7.42 -8.65 10.93
CA TYR A 68 7.12 -7.69 11.97
C TYR A 68 5.62 -7.26 11.95
N SER A 69 5.02 -7.20 10.76
CA SER A 69 3.60 -6.82 10.60
C SER A 69 2.61 -7.92 11.06
N GLY A 70 3.05 -9.15 11.27
CA GLY A 70 2.18 -10.17 11.85
C GLY A 70 1.01 -10.58 10.96
N THR A 71 1.25 -10.64 9.63
CA THR A 71 0.23 -11.03 8.65
C THR A 71 0.75 -12.03 7.61
N VAL A 72 -0.18 -12.72 6.94
CA VAL A 72 0.14 -13.65 5.87
C VAL A 72 -0.44 -13.18 4.56
N PRO A 73 0.21 -13.52 3.43
CA PRO A 73 1.36 -14.41 3.27
C PRO A 73 2.75 -13.75 3.38
N VAL A 74 3.74 -14.58 3.62
CA VAL A 74 5.15 -14.21 3.55
C VAL A 74 5.86 -15.24 2.66
N LEU A 75 6.65 -14.78 1.71
CA LEU A 75 7.44 -15.64 0.82
C LEU A 75 8.90 -15.73 1.33
N GLU A 76 9.41 -16.96 1.43
CA GLU A 76 10.84 -17.21 1.78
C GLU A 76 11.58 -17.76 0.57
N LEU A 77 12.63 -17.06 0.16
CA LEU A 77 13.50 -17.48 -0.92
C LEU A 77 14.57 -18.47 -0.43
N ASP A 78 15.33 -19.02 -1.37
CA ASP A 78 16.38 -20.01 -1.08
C ASP A 78 17.53 -19.46 -0.22
N ASP A 79 17.82 -18.17 -0.36
CA ASP A 79 18.86 -17.50 0.43
C ASP A 79 18.36 -17.00 1.81
N GLY A 80 17.16 -17.41 2.19
CA GLY A 80 16.60 -17.04 3.51
C GLY A 80 15.95 -15.66 3.54
N THR A 81 15.93 -14.97 2.41
CA THR A 81 15.24 -13.69 2.29
C THR A 81 13.75 -13.92 2.51
N LEU A 82 13.16 -13.08 3.36
CA LEU A 82 11.73 -13.11 3.57
C LEU A 82 11.08 -11.90 2.90
N ILE A 83 10.12 -12.17 2.03
CA ILE A 83 9.39 -11.10 1.38
C ILE A 83 7.95 -11.06 1.90
N ALA A 84 7.60 -9.98 2.60
CA ALA A 84 6.26 -9.83 3.13
C ALA A 84 5.49 -8.93 2.15
N GLU A 85 4.16 -8.87 2.33
CA GLU A 85 3.24 -8.01 1.54
C GLU A 85 2.91 -8.55 0.15
N CYS A 86 1.61 -8.68 -0.14
CA CYS A 86 1.16 -9.31 -1.42
C CYS A 86 1.73 -8.59 -2.60
N THR A 87 1.73 -7.26 -2.57
CA THR A 87 2.24 -6.50 -3.69
C THR A 87 3.74 -6.80 -3.94
N ALA A 88 4.54 -6.74 -2.88
CA ALA A 88 5.98 -7.05 -2.97
C ALA A 88 6.25 -8.50 -3.43
N ILE A 89 5.56 -9.48 -2.84
CA ILE A 89 5.66 -10.89 -3.28
C ILE A 89 5.35 -11.08 -4.79
N THR A 90 4.26 -10.43 -5.23
CA THR A 90 3.84 -10.49 -6.63
C THR A 90 4.87 -9.81 -7.52
N GLU A 91 5.43 -8.72 -7.01
CA GLU A 91 6.39 -7.94 -7.75
C GLU A 91 7.66 -8.77 -7.96
N TYR A 92 8.05 -9.50 -6.92
CA TYR A 92 9.18 -10.40 -7.05
C TYR A 92 8.93 -11.49 -8.12
N ILE A 93 7.89 -12.31 -7.90
CA ILE A 93 7.60 -13.45 -8.81
C ILE A 93 7.24 -13.07 -10.24
N ASP A 94 6.65 -11.89 -10.44
CA ASP A 94 6.35 -11.41 -11.81
C ASP A 94 7.63 -11.01 -12.57
N ALA A 95 8.65 -10.59 -11.83
CA ALA A 95 9.86 -10.07 -12.45
C ALA A 95 10.81 -11.23 -12.79
N LEU A 96 10.57 -12.35 -12.12
CA LEU A 96 11.45 -13.52 -12.11
C LEU A 96 11.74 -14.19 -13.48
N ASP A 97 10.71 -14.33 -14.32
CA ASP A 97 10.91 -14.95 -15.63
C ASP A 97 11.27 -13.91 -16.71
N GLY A 98 11.39 -12.65 -16.29
CA GLY A 98 11.78 -11.57 -17.18
C GLY A 98 10.70 -11.02 -18.09
N THR A 99 9.47 -11.54 -18.00
CA THR A 99 8.32 -11.00 -18.77
C THR A 99 7.18 -10.63 -17.81
N PRO A 100 7.16 -9.37 -17.36
CA PRO A 100 6.21 -9.01 -16.33
C PRO A 100 4.81 -9.04 -16.92
N THR A 101 4.01 -9.98 -16.45
CA THR A 101 2.62 -10.05 -16.88
C THR A 101 1.73 -9.20 -15.97
N LEU A 102 1.85 -9.43 -14.66
CA LEU A 102 0.93 -8.89 -13.69
C LEU A 102 1.23 -7.46 -13.25
N THR A 103 2.46 -7.02 -13.54
CA THR A 103 3.06 -5.86 -12.89
C THR A 103 3.37 -4.66 -13.77
N GLY A 104 3.40 -4.87 -15.09
CA GLY A 104 3.53 -3.78 -16.05
C GLY A 104 4.83 -3.79 -16.83
N LYS A 105 4.76 -3.59 -18.14
CA LYS A 105 5.98 -3.59 -18.97
C LYS A 105 6.47 -2.17 -19.16
N THR A 106 5.64 -1.31 -19.74
CA THR A 106 6.01 0.09 -19.94
C THR A 106 5.93 0.86 -18.63
N PRO A 107 6.57 2.03 -18.56
CA PRO A 107 6.41 2.93 -17.44
C PRO A 107 4.95 3.25 -17.15
N LEU A 108 4.17 3.49 -18.21
CA LEU A 108 2.78 3.86 -18.03
C LEU A 108 2.02 2.70 -17.37
N GLU A 109 2.36 1.48 -17.77
CA GLU A 109 1.69 0.30 -17.26
C GLU A 109 2.00 0.05 -15.80
N LYS A 110 3.25 0.24 -15.39
CA LYS A 110 3.59 0.12 -13.97
C LYS A 110 2.85 1.14 -13.09
N GLY A 111 2.84 2.40 -13.52
CA GLY A 111 2.13 3.46 -12.77
C GLY A 111 0.67 3.11 -12.49
N VAL A 112 -0.09 2.90 -13.57
CA VAL A 112 -1.53 2.65 -13.52
C VAL A 112 -1.87 1.36 -12.75
N ILE A 113 -1.17 0.28 -13.07
CA ILE A 113 -1.34 -0.99 -12.35
C ILE A 113 -1.11 -0.83 -10.86
N HIS A 114 -0.02 -0.15 -10.49
CA HIS A 114 0.27 0.13 -9.07
C HIS A 114 -0.75 1.03 -8.40
N MET A 115 -1.16 2.08 -9.10
CA MET A 115 -2.25 2.95 -8.62
C MET A 115 -3.49 2.13 -8.27
N MET A 116 -3.97 1.34 -9.25
CA MET A 116 -5.24 0.61 -9.14
C MET A 116 -5.16 -0.52 -8.12
N ASN A 117 -4.00 -1.18 -8.09
CA ASN A 117 -3.69 -2.22 -7.10
C ASN A 117 -3.76 -1.68 -5.67
N LYS A 118 -3.06 -0.58 -5.42
CA LYS A 118 -3.11 0.13 -4.14
C LYS A 118 -4.49 0.66 -3.79
N ARG A 119 -5.19 1.24 -4.78
CA ARG A 119 -6.52 1.78 -4.54
C ARG A 119 -7.49 0.64 -4.20
N ALA A 120 -7.27 -0.53 -4.81
CA ALA A 120 -8.07 -1.74 -4.55
C ALA A 120 -7.89 -2.18 -3.11
N GLU A 121 -6.64 -2.06 -2.64
CA GLU A 121 -6.32 -2.25 -1.25
C GLU A 121 -7.01 -1.22 -0.34
N LEU A 122 -6.82 0.05 -0.67
CA LEU A 122 -7.35 1.15 0.16
C LEU A 122 -8.90 1.21 0.27
N GLU A 123 -9.58 1.10 -0.87
CA GLU A 123 -11.00 1.38 -0.93
C GLU A 123 -11.91 0.17 -0.84
N LEU A 124 -11.32 -1.04 -0.93
CA LEU A 124 -12.08 -2.30 -0.89
C LEU A 124 -11.54 -3.37 0.03
N LEU A 125 -10.40 -3.94 -0.33
CA LEU A 125 -9.82 -5.08 0.40
C LEU A 125 -9.46 -4.80 1.85
N ASP A 126 -8.64 -3.78 2.12
CA ASP A 126 -8.25 -3.51 3.52
C ASP A 126 -9.47 -3.17 4.39
N PRO A 127 -10.45 -2.38 3.87
CA PRO A 127 -11.63 -2.07 4.67
C PRO A 127 -12.48 -3.29 5.05
N VAL A 128 -12.66 -4.23 4.13
CA VAL A 128 -13.44 -5.42 4.49
C VAL A 128 -12.73 -6.15 5.63
N SER A 129 -11.42 -6.27 5.50
CA SER A 129 -10.55 -6.92 6.48
C SER A 129 -10.55 -6.24 7.82
N VAL A 130 -10.48 -4.91 7.84
CA VAL A 130 -10.59 -4.17 9.11
C VAL A 130 -11.98 -4.35 9.74
N TYR A 131 -13.01 -4.28 8.91
CA TYR A 131 -14.39 -4.52 9.39
C TYR A 131 -14.50 -5.90 10.03
N PHE A 132 -14.04 -6.93 9.31
CA PHE A 132 -13.99 -8.28 9.88
C PHE A 132 -13.32 -8.34 11.27
N HIS A 133 -12.13 -7.76 11.42
CA HIS A 133 -11.40 -7.86 12.71
C HIS A 133 -11.96 -6.96 13.81
N HIS A 134 -12.65 -5.89 13.43
CA HIS A 134 -13.03 -4.86 14.40
C HIS A 134 -14.54 -4.73 14.71
N ALA A 135 -15.38 -5.07 13.74
CA ALA A 135 -16.83 -4.91 13.90
C ALA A 135 -17.58 -6.26 13.83
N THR A 136 -16.84 -7.35 13.62
CA THR A 136 -17.37 -8.69 13.82
C THR A 136 -16.47 -9.35 14.87
N PRO A 137 -16.81 -10.57 15.31
CA PRO A 137 -15.95 -11.25 16.26
C PRO A 137 -14.57 -11.62 15.70
N GLY A 138 -14.42 -11.62 14.37
CA GLY A 138 -13.13 -11.85 13.69
C GLY A 138 -12.48 -13.20 13.98
N LEU A 139 -11.24 -13.16 14.46
CA LEU A 139 -10.52 -14.39 14.73
C LEU A 139 -10.80 -14.90 16.13
N GLY A 140 -11.59 -14.13 16.88
CA GLY A 140 -11.98 -14.50 18.22
C GLY A 140 -11.21 -13.69 19.24
N PRO A 141 -11.66 -13.72 20.51
CA PRO A 141 -11.17 -12.83 21.56
C PRO A 141 -9.73 -13.08 21.98
N GLU A 142 -9.20 -14.27 21.73
CA GLU A 142 -7.82 -14.58 22.08
C GLU A 142 -6.86 -13.89 21.10
N VAL A 143 -7.39 -13.56 19.93
CA VAL A 143 -6.63 -12.86 18.92
C VAL A 143 -7.03 -11.38 18.80
N GLU A 144 -8.32 -11.10 18.82
CA GLU A 144 -8.74 -9.70 18.72
C GLU A 144 -8.71 -9.03 20.09
N LEU A 145 -7.52 -8.68 20.57
CA LEU A 145 -7.41 -8.16 21.93
C LEU A 145 -7.93 -6.73 22.00
N TYR A 146 -7.75 -6.01 20.89
CA TYR A 146 -8.30 -4.67 20.73
C TYR A 146 -9.23 -4.66 19.53
N GLN A 147 -10.43 -4.11 19.75
CA GLN A 147 -11.48 -4.01 18.72
C GLN A 147 -12.20 -2.66 18.81
N ASN A 148 -12.25 -1.95 17.69
CA ASN A 148 -12.92 -0.66 17.62
C ASN A 148 -14.13 -0.81 16.68
N LYS A 149 -15.31 -1.08 17.25
CA LYS A 149 -16.50 -1.43 16.47
C LYS A 149 -16.92 -0.31 15.54
N GLU A 150 -17.00 0.91 16.07
CA GLU A 150 -17.37 2.08 15.27
C GLU A 150 -16.46 2.21 14.04
N TRP A 151 -15.17 2.00 14.23
CA TRP A 151 -14.21 2.10 13.14
C TRP A 151 -14.38 0.99 12.11
N GLY A 152 -14.56 -0.24 12.59
CA GLY A 152 -14.86 -1.36 11.69
C GLY A 152 -16.11 -1.14 10.88
N LEU A 153 -17.16 -0.65 11.53
CA LEU A 153 -18.41 -0.32 10.84
C LEU A 153 -18.24 0.74 9.75
N ARG A 154 -17.49 1.81 10.04
CA ARG A 154 -17.17 2.83 9.02
C ARG A 154 -16.38 2.25 7.88
N GLN A 155 -15.48 1.30 8.18
CA GLN A 155 -14.70 0.62 7.14
C GLN A 155 -15.58 -0.24 6.19
N ARG A 156 -16.62 -0.86 6.75
CA ARG A 156 -17.59 -1.64 5.97
C ARG A 156 -18.30 -0.73 4.97
N ASP A 157 -18.70 0.47 5.40
CA ASP A 157 -19.29 1.46 4.48
C ASP A 157 -18.29 1.92 3.43
N LYS A 158 -17.03 2.06 3.83
CA LYS A 158 -15.95 2.43 2.88
C LYS A 158 -15.79 1.38 1.75
N ALA A 159 -15.85 0.11 2.14
CA ALA A 159 -15.82 -1.01 1.19
C ALA A 159 -17.05 -1.01 0.27
N LEU A 160 -18.22 -0.70 0.83
CA LEU A 160 -19.43 -0.59 -0.01
C LEU A 160 -19.24 0.51 -1.07
N HIS A 161 -18.78 1.68 -0.66
CA HIS A 161 -18.41 2.72 -1.65
C HIS A 161 -17.36 2.26 -2.67
N GLY A 162 -16.38 1.50 -2.18
CA GLY A 162 -15.36 0.95 -3.06
C GLY A 162 -15.91 0.04 -4.16
N MET A 163 -16.90 -0.78 -3.80
CA MET A 163 -17.57 -1.65 -4.75
C MET A 163 -18.20 -0.81 -5.87
N HIS A 164 -18.92 0.23 -5.49
CA HIS A 164 -19.48 1.18 -6.45
C HIS A 164 -18.39 1.81 -7.30
N TYR A 165 -17.27 2.21 -6.68
CA TYR A 165 -16.18 2.81 -7.46
C TYR A 165 -15.63 1.86 -8.53
N PHE A 166 -15.37 0.61 -8.14
CA PHE A 166 -14.79 -0.37 -9.08
C PHE A 166 -15.81 -0.80 -10.17
N ASP A 167 -17.08 -0.77 -9.79
CA ASP A 167 -18.17 -0.85 -10.77
C ASP A 167 -18.10 0.23 -11.85
N THR A 168 -17.85 1.49 -11.47
CA THR A 168 -17.81 2.56 -12.50
C THR A 168 -16.63 2.38 -13.44
N VAL A 169 -15.51 1.96 -12.86
CA VAL A 169 -14.28 1.67 -13.58
C VAL A 169 -14.49 0.56 -14.63
N LEU A 170 -15.10 -0.53 -14.21
CA LEU A 170 -15.25 -1.73 -15.06
C LEU A 170 -16.30 -1.60 -16.19
N ARG A 171 -17.16 -0.58 -16.09
CA ARG A 171 -18.03 -0.14 -17.21
C ARG A 171 -17.20 0.35 -18.40
N GLU A 172 -15.98 0.78 -18.15
CA GLU A 172 -15.18 1.45 -19.17
C GLU A 172 -13.90 0.70 -19.55
N ARG A 173 -13.53 -0.29 -18.74
CA ARG A 173 -12.32 -1.10 -18.97
C ARG A 173 -12.62 -2.59 -18.82
N PRO A 174 -11.92 -3.44 -19.59
CA PRO A 174 -12.07 -4.88 -19.43
C PRO A 174 -11.47 -5.39 -18.11
N TYR A 175 -10.38 -4.75 -17.65
CA TYR A 175 -9.73 -5.13 -16.40
C TYR A 175 -9.52 -3.88 -15.51
N VAL A 176 -9.15 -4.10 -14.26
CA VAL A 176 -9.15 -3.01 -13.29
C VAL A 176 -8.18 -1.90 -13.72
N ALA A 177 -6.98 -2.30 -14.17
CA ALA A 177 -5.91 -1.39 -14.53
C ALA A 177 -5.87 -1.08 -16.01
N GLY A 178 -6.80 -1.64 -16.79
CA GLY A 178 -6.91 -1.28 -18.21
C GLY A 178 -7.26 -2.46 -19.10
N ASP A 179 -6.47 -2.62 -20.16
CA ASP A 179 -6.68 -3.56 -21.25
C ASP A 179 -6.32 -5.00 -20.91
N SER A 180 -5.42 -5.23 -19.94
CA SER A 180 -4.94 -6.59 -19.65
C SER A 180 -5.15 -6.96 -18.19
N PHE A 181 -5.35 -8.24 -17.93
CA PHE A 181 -5.36 -8.76 -16.55
C PHE A 181 -4.07 -8.37 -15.79
N SER A 182 -4.19 -7.95 -14.53
CA SER A 182 -3.01 -7.56 -13.74
C SER A 182 -3.20 -7.86 -12.25
N MET A 183 -2.18 -7.56 -11.48
CA MET A 183 -2.21 -7.59 -10.03
C MET A 183 -3.42 -6.83 -9.45
N ALA A 184 -3.83 -5.73 -10.10
CA ALA A 184 -4.96 -4.92 -9.65
C ALA A 184 -6.27 -5.71 -9.67
N ASP A 185 -6.47 -6.54 -10.70
CA ASP A 185 -7.62 -7.47 -10.74
C ASP A 185 -7.54 -8.44 -9.59
N ILE A 186 -6.33 -8.95 -9.33
CA ILE A 186 -6.20 -9.96 -8.27
C ILE A 186 -6.63 -9.38 -6.92
N THR A 187 -6.32 -8.10 -6.71
CA THR A 187 -6.66 -7.46 -5.44
C THR A 187 -8.16 -7.32 -5.23
N VAL A 188 -8.86 -6.91 -6.28
CA VAL A 188 -10.34 -6.82 -6.19
C VAL A 188 -10.97 -8.18 -6.00
N ILE A 189 -10.43 -9.21 -6.68
CA ILE A 189 -10.90 -10.58 -6.45
C ILE A 189 -10.86 -10.88 -4.97
N ALA A 190 -9.73 -10.57 -4.36
CA ALA A 190 -9.51 -10.88 -2.93
C ALA A 190 -10.42 -10.04 -2.04
N GLY A 191 -10.67 -8.81 -2.45
CA GLY A 191 -11.65 -7.97 -1.74
C GLY A 191 -13.03 -8.59 -1.81
N LEU A 192 -13.39 -9.09 -2.98
CA LEU A 192 -14.70 -9.75 -3.14
C LEU A 192 -14.80 -11.09 -2.40
N ILE A 193 -13.71 -11.86 -2.35
CA ILE A 193 -13.65 -13.05 -1.53
C ILE A 193 -13.92 -12.70 -0.08
N PHE A 194 -13.21 -11.69 0.44
CA PHE A 194 -13.40 -11.27 1.83
C PHE A 194 -14.82 -10.79 2.13
N ALA A 195 -15.38 -10.00 1.20
CA ALA A 195 -16.80 -9.59 1.27
C ALA A 195 -17.75 -10.75 1.55
N ALA A 196 -17.58 -11.86 0.83
CA ALA A 196 -18.43 -13.04 0.98
C ALA A 196 -18.24 -13.72 2.31
N ILE A 197 -17.00 -13.76 2.81
CA ILE A 197 -16.76 -14.33 4.15
C ILE A 197 -17.58 -13.63 5.24
N VAL A 198 -17.70 -12.31 5.12
CA VAL A 198 -18.40 -11.53 6.15
C VAL A 198 -19.86 -11.23 5.76
N LYS A 199 -20.28 -11.74 4.60
CA LYS A 199 -21.66 -11.59 4.12
C LYS A 199 -22.02 -10.13 3.80
N LEU A 200 -21.02 -9.39 3.34
CA LEU A 200 -21.24 -8.06 2.81
C LEU A 200 -21.61 -8.23 1.34
N GLN A 201 -22.89 -8.13 1.06
CA GLN A 201 -23.40 -8.36 -0.30
C GLN A 201 -22.93 -7.23 -1.18
N VAL A 202 -22.48 -7.58 -2.39
CA VAL A 202 -22.25 -6.63 -3.46
C VAL A 202 -23.62 -6.10 -3.91
N PRO A 203 -23.78 -4.77 -4.03
CA PRO A 203 -25.07 -4.23 -4.52
C PRO A 203 -25.41 -4.79 -5.89
N GLU A 204 -26.66 -5.22 -6.05
CA GLU A 204 -27.15 -5.75 -7.34
C GLU A 204 -26.93 -4.75 -8.46
N GLU A 205 -27.11 -3.47 -8.14
CA GLU A 205 -26.85 -2.36 -9.04
C GLU A 205 -25.40 -2.31 -9.59
N CYS A 206 -24.45 -2.88 -8.83
CA CYS A 206 -23.06 -2.97 -9.28
C CYS A 206 -22.84 -4.07 -10.32
N GLU A 207 -23.49 -3.90 -11.47
CA GLU A 207 -23.56 -4.93 -12.49
C GLU A 207 -22.30 -5.10 -13.32
N ALA A 208 -21.52 -4.04 -13.50
CA ALA A 208 -20.26 -4.15 -14.24
C ALA A 208 -19.23 -4.95 -13.41
N LEU A 209 -19.24 -4.69 -12.11
CA LEU A 209 -18.38 -5.39 -11.16
C LEU A 209 -18.78 -6.87 -11.05
N ARG A 210 -20.07 -7.13 -10.95
CA ARG A 210 -20.58 -8.50 -10.87
C ARG A 210 -20.25 -9.26 -12.17
N ALA A 211 -20.41 -8.59 -13.31
CA ALA A 211 -20.07 -9.17 -14.62
C ALA A 211 -18.57 -9.53 -14.68
N TRP A 212 -17.72 -8.64 -14.17
CA TRP A 212 -16.27 -8.83 -14.22
C TRP A 212 -15.87 -9.97 -13.30
N TYR A 213 -16.47 -10.00 -12.11
CA TYR A 213 -16.20 -11.05 -11.17
C TYR A 213 -16.62 -12.42 -11.67
N LYS A 214 -17.77 -12.49 -12.36
CA LYS A 214 -18.22 -13.73 -13.00
C LYS A 214 -17.16 -14.30 -13.92
N ARG A 215 -16.58 -13.44 -14.76
CA ARG A 215 -15.40 -13.78 -15.56
C ARG A 215 -14.20 -14.26 -14.74
N MET A 216 -13.91 -13.56 -13.65
CA MET A 216 -12.78 -13.87 -12.79
C MET A 216 -12.88 -15.28 -12.23
N GLN A 217 -14.07 -15.66 -11.78
CA GLN A 217 -14.33 -17.00 -11.28
C GLN A 217 -14.06 -18.15 -12.26
N GLN A 218 -13.96 -17.85 -13.56
CA GLN A 218 -13.68 -18.88 -14.56
C GLN A 218 -12.26 -18.80 -15.09
N ARG A 219 -11.46 -17.85 -14.59
CA ARG A 219 -10.03 -17.86 -14.89
C ARG A 219 -9.42 -19.06 -14.19
N PRO A 220 -8.59 -19.83 -14.92
CA PRO A 220 -8.00 -21.06 -14.40
C PRO A 220 -7.33 -20.86 -13.04
N SER A 221 -6.49 -19.81 -12.95
CA SER A 221 -5.80 -19.45 -11.70
C SER A 221 -6.75 -19.19 -10.52
N VAL A 222 -7.86 -18.52 -10.80
CA VAL A 222 -8.84 -18.18 -9.78
C VAL A 222 -9.71 -19.37 -9.46
N LYS A 223 -10.18 -20.03 -10.53
CA LYS A 223 -11.00 -21.23 -10.43
C LYS A 223 -10.28 -22.30 -9.61
N LYS A 224 -9.00 -22.52 -9.91
CA LYS A 224 -8.17 -23.44 -9.11
C LYS A 224 -8.33 -23.18 -7.63
N LEU A 225 -8.13 -21.92 -7.24
CA LEU A 225 -8.08 -21.50 -5.84
C LEU A 225 -9.42 -21.63 -5.13
N LEU A 226 -10.50 -21.27 -5.84
CA LEU A 226 -11.85 -21.30 -5.25
C LEU A 226 -12.31 -22.75 -5.02
N MET B 19 4.60 17.03 -17.72
CA MET B 19 3.77 16.45 -16.63
C MET B 19 3.18 17.54 -15.73
N ILE B 20 2.05 17.22 -15.10
CA ILE B 20 1.45 18.10 -14.10
C ILE B 20 1.31 17.27 -12.82
N ILE B 21 1.53 17.91 -11.68
CA ILE B 21 1.28 17.30 -10.38
C ILE B 21 0.37 18.24 -9.61
N TYR B 22 -0.65 17.66 -8.97
CA TYR B 22 -1.51 18.38 -8.05
C TYR B 22 -1.06 17.95 -6.68
N ASP B 23 -0.60 18.91 -5.87
CA ASP B 23 -0.24 18.63 -4.47
C ASP B 23 -0.26 19.88 -3.61
N THR B 24 0.22 19.75 -2.38
CA THR B 24 0.56 20.86 -1.50
C THR B 24 2.07 20.72 -1.19
N PRO B 25 2.83 21.81 -1.37
CA PRO B 25 4.29 21.70 -1.44
C PRO B 25 5.00 21.18 -0.18
N ALA B 26 4.44 21.42 0.99
CA ALA B 26 5.06 21.00 2.27
C ALA B 26 4.35 19.80 2.91
N GLY B 27 3.62 19.04 2.09
CA GLY B 27 2.96 17.82 2.58
C GLY B 27 3.91 16.63 2.64
N PRO B 28 3.84 15.83 3.70
CA PRO B 28 4.74 14.67 3.83
C PRO B 28 4.59 13.65 2.68
N TYR B 29 3.37 13.41 2.20
CA TYR B 29 3.18 12.49 1.07
C TYR B 29 3.63 13.12 -0.22
N PRO B 30 3.22 14.38 -0.51
CA PRO B 30 3.82 15.05 -1.64
C PRO B 30 5.36 15.07 -1.67
N ALA B 31 5.99 15.12 -0.50
CA ALA B 31 7.47 15.04 -0.43
C ALA B 31 8.04 13.81 -1.13
N ARG B 32 7.44 12.65 -0.90
CA ARG B 32 7.92 11.38 -1.52
C ARG B 32 8.09 11.50 -3.02
N VAL B 33 7.19 12.22 -3.67
CA VAL B 33 7.24 12.37 -5.10
C VAL B 33 8.24 13.45 -5.47
N ARG B 34 8.20 14.55 -4.74
CA ARG B 34 9.15 15.64 -4.98
C ARG B 34 10.59 15.22 -4.83
N ILE B 35 10.90 14.49 -3.76
CA ILE B 35 12.20 13.81 -3.60
C ILE B 35 12.56 12.87 -4.78
N ALA B 36 11.64 12.00 -5.17
CA ALA B 36 11.87 11.06 -6.29
C ALA B 36 12.15 11.79 -7.60
N LEU B 37 11.44 12.89 -7.81
CA LEU B 37 11.59 13.72 -8.99
C LEU B 37 13.00 14.33 -9.01
N ALA B 38 13.43 14.92 -7.91
CA ALA B 38 14.79 15.47 -7.83
C ALA B 38 15.82 14.36 -8.05
N GLU B 39 15.56 13.22 -7.42
CA GLU B 39 16.45 12.10 -7.48
C GLU B 39 16.59 11.53 -8.92
N LYS B 40 15.53 11.68 -9.73
CA LYS B 40 15.59 11.31 -11.14
C LYS B 40 15.99 12.46 -12.08
N ASN B 41 16.27 13.64 -11.53
CA ASN B 41 16.55 14.86 -12.30
C ASN B 41 15.39 15.25 -13.20
N MET B 42 14.17 15.04 -12.72
CA MET B 42 12.99 15.27 -13.54
C MET B 42 12.18 16.43 -12.99
N LEU B 43 12.71 17.11 -11.99
CA LEU B 43 11.93 18.14 -11.31
C LEU B 43 11.54 19.25 -12.26
N SER B 44 12.41 19.49 -13.23
CA SER B 44 12.25 20.44 -14.29
C SER B 44 11.06 20.14 -15.22
N SER B 45 10.72 18.87 -15.38
CA SER B 45 9.62 18.42 -16.24
C SER B 45 8.24 18.80 -15.72
N VAL B 46 8.15 19.11 -14.42
CA VAL B 46 6.87 19.18 -13.72
C VAL B 46 6.42 20.59 -13.40
N GLN B 47 5.18 20.92 -13.76
CA GLN B 47 4.52 22.06 -13.14
C GLN B 47 3.54 21.61 -12.07
N PHE B 48 3.65 22.23 -10.89
CA PHE B 48 2.84 21.89 -9.75
C PHE B 48 1.63 22.80 -9.68
N VAL B 49 0.48 22.22 -9.27
CA VAL B 49 -0.73 22.99 -9.04
C VAL B 49 -1.14 22.83 -7.58
N ARG B 50 -1.40 23.96 -6.93
CA ARG B 50 -1.73 23.97 -5.51
C ARG B 50 -3.15 23.47 -5.21
N ILE B 51 -3.24 22.54 -4.26
CA ILE B 51 -4.50 22.12 -3.68
C ILE B 51 -4.41 22.48 -2.21
N ASN B 52 -5.32 23.35 -1.75
CA ASN B 52 -5.36 23.74 -0.34
C ASN B 52 -6.16 22.73 0.46
N LEU B 53 -5.46 22.00 1.32
CA LEU B 53 -6.08 20.97 2.15
C LEU B 53 -6.84 21.55 3.35
N TRP B 54 -6.34 22.67 3.86
CA TRP B 54 -7.00 23.36 4.99
C TRP B 54 -8.39 23.87 4.58
N LYS B 55 -8.54 24.16 3.30
CA LYS B 55 -9.84 24.57 2.73
C LYS B 55 -10.65 23.39 2.16
N GLY B 56 -10.12 22.17 2.30
CA GLY B 56 -10.82 20.95 1.93
C GLY B 56 -11.03 20.77 0.44
N GLU B 57 -10.16 21.41 -0.36
CA GLU B 57 -10.26 21.40 -1.83
C GLU B 57 -10.10 19.99 -2.39
N HIS B 58 -9.38 19.14 -1.67
CA HIS B 58 -9.13 17.76 -2.06
C HIS B 58 -10.39 16.89 -1.89
N LYS B 59 -11.31 17.34 -1.05
CA LYS B 59 -12.54 16.61 -0.80
C LYS B 59 -13.71 17.16 -1.60
N LYS B 60 -13.41 17.98 -2.59
CA LYS B 60 -14.44 18.57 -3.43
C LYS B 60 -14.61 17.77 -4.73
N PRO B 61 -15.84 17.79 -5.30
CA PRO B 61 -16.19 16.93 -6.43
C PRO B 61 -15.20 17.06 -7.58
N GLU B 62 -14.72 18.28 -7.82
CA GLU B 62 -13.74 18.58 -8.87
C GLU B 62 -12.47 17.75 -8.71
N PHE B 63 -11.99 17.64 -7.48
CA PHE B 63 -10.76 16.93 -7.20
C PHE B 63 -10.98 15.43 -7.07
N LEU B 64 -12.13 15.01 -6.54
CA LEU B 64 -12.42 13.56 -6.46
C LEU B 64 -12.51 12.97 -7.86
N ALA B 65 -12.96 13.79 -8.82
CA ALA B 65 -12.91 13.45 -10.25
C ALA B 65 -11.49 13.12 -10.71
N LYS B 66 -10.50 13.79 -10.11
CA LYS B 66 -9.11 13.49 -10.41
C LYS B 66 -8.62 12.28 -9.63
N ASN B 67 -9.06 12.17 -8.37
CA ASN B 67 -8.64 11.10 -7.47
C ASN B 67 -9.76 10.71 -6.49
N TYR B 68 -10.42 9.58 -6.79
CA TYR B 68 -11.48 9.04 -5.95
C TYR B 68 -11.15 9.03 -4.44
N SER B 69 -9.89 8.71 -4.09
CA SER B 69 -9.45 8.65 -2.68
C SER B 69 -9.37 10.02 -1.97
N GLY B 70 -9.35 11.10 -2.75
CA GLY B 70 -9.34 12.46 -2.20
C GLY B 70 -8.04 12.84 -1.51
N THR B 71 -6.92 12.44 -2.08
CA THR B 71 -5.62 12.72 -1.48
C THR B 71 -4.62 13.23 -2.52
N VAL B 72 -3.56 13.84 -2.01
CA VAL B 72 -2.45 14.35 -2.82
C VAL B 72 -1.13 13.64 -2.45
N PRO B 73 -0.21 13.50 -3.43
CA PRO B 73 -0.23 14.09 -4.78
C PRO B 73 -1.01 13.27 -5.80
N VAL B 74 -1.26 13.85 -6.98
CA VAL B 74 -1.74 13.16 -8.17
C VAL B 74 -0.95 13.66 -9.38
N LEU B 75 -0.56 12.74 -10.25
CA LEU B 75 0.17 13.06 -11.47
C LEU B 75 -0.78 13.03 -12.70
N GLU B 76 -0.65 14.03 -13.58
CA GLU B 76 -1.41 14.05 -14.82
C GLU B 76 -0.48 14.09 -16.03
N LEU B 77 -0.50 13.03 -16.83
CA LEU B 77 0.38 12.96 -17.97
C LEU B 77 -0.02 13.90 -19.11
N ASP B 78 0.91 14.11 -20.05
CA ASP B 78 0.66 14.95 -21.22
C ASP B 78 -0.61 14.56 -22.02
N ASP B 79 -0.90 13.26 -22.08
CA ASP B 79 -2.15 12.79 -22.68
C ASP B 79 -3.37 12.92 -21.74
N GLY B 80 -3.16 13.29 -20.48
CA GLY B 80 -4.29 13.43 -19.55
C GLY B 80 -4.54 12.23 -18.63
N THR B 81 -3.77 11.16 -18.82
CA THR B 81 -3.85 10.02 -17.92
C THR B 81 -3.50 10.48 -16.51
N LEU B 82 -4.27 10.01 -15.52
CA LEU B 82 -4.03 10.40 -14.13
C LEU B 82 -3.41 9.25 -13.35
N ILE B 83 -2.33 9.54 -12.62
CA ILE B 83 -1.72 8.57 -11.76
C ILE B 83 -1.73 9.08 -10.30
N ALA B 84 -2.49 8.42 -9.45
CA ALA B 84 -2.48 8.74 -8.02
C ALA B 84 -1.68 7.71 -7.24
N GLU B 85 -1.38 8.01 -5.97
CA GLU B 85 -0.59 7.16 -5.06
C GLU B 85 0.92 7.30 -5.30
N CYS B 86 1.63 7.63 -4.22
CA CYS B 86 3.06 7.94 -4.25
C CYS B 86 3.87 6.80 -4.86
N THR B 87 3.67 5.59 -4.36
CA THR B 87 4.30 4.40 -4.94
C THR B 87 4.12 4.32 -6.47
N ALA B 88 2.90 4.50 -6.93
CA ALA B 88 2.59 4.39 -8.37
C ALA B 88 3.22 5.49 -9.20
N ILE B 89 3.20 6.71 -8.70
CA ILE B 89 3.82 7.83 -9.39
C ILE B 89 5.33 7.62 -9.43
N THR B 90 5.90 7.12 -8.34
CA THR B 90 7.35 6.89 -8.28
C THR B 90 7.71 5.77 -9.23
N GLU B 91 6.89 4.72 -9.24
CA GLU B 91 7.06 3.63 -10.18
C GLU B 91 7.19 4.18 -11.60
N TYR B 92 6.28 5.08 -11.95
CA TYR B 92 6.22 5.63 -13.30
C TYR B 92 7.46 6.44 -13.66
N ILE B 93 7.81 7.40 -12.80
CA ILE B 93 8.92 8.30 -13.08
C ILE B 93 10.30 7.62 -13.02
N ASP B 94 10.40 6.50 -12.29
CA ASP B 94 11.65 5.78 -12.11
C ASP B 94 11.91 4.91 -13.33
N ALA B 95 10.83 4.40 -13.94
CA ALA B 95 10.95 3.54 -15.09
C ALA B 95 11.07 4.39 -16.34
N LEU B 96 10.62 5.63 -16.26
CA LEU B 96 10.53 6.49 -17.45
C LEU B 96 11.84 6.61 -18.23
N ASP B 97 12.97 6.62 -17.52
CA ASP B 97 14.26 6.91 -18.15
C ASP B 97 15.09 5.65 -18.45
N GLY B 98 14.59 4.48 -18.08
CA GLY B 98 15.21 3.19 -18.49
C GLY B 98 16.22 2.60 -17.50
N THR B 99 16.51 3.35 -16.45
CA THR B 99 17.41 2.88 -15.40
C THR B 99 16.75 3.02 -14.04
N PRO B 100 16.03 1.97 -13.59
CA PRO B 100 15.36 2.05 -12.29
C PRO B 100 16.39 2.21 -11.19
N THR B 101 16.19 3.23 -10.38
CA THR B 101 17.18 3.62 -9.41
C THR B 101 16.59 3.53 -8.02
N LEU B 102 15.27 3.69 -7.93
CA LEU B 102 14.59 3.82 -6.65
C LEU B 102 13.67 2.64 -6.34
N THR B 103 13.55 1.75 -7.32
CA THR B 103 12.43 0.84 -7.39
C THR B 103 12.88 -0.61 -7.57
N GLY B 104 14.11 -0.81 -8.02
CA GLY B 104 14.67 -2.15 -8.12
C GLY B 104 15.00 -2.53 -9.55
N LYS B 105 16.20 -3.09 -9.73
CA LYS B 105 16.64 -3.54 -11.05
C LYS B 105 16.35 -5.02 -11.23
N THR B 106 16.85 -5.82 -10.30
CA THR B 106 16.62 -7.25 -10.29
C THR B 106 15.29 -7.57 -9.60
N PRO B 107 14.76 -8.79 -9.85
CA PRO B 107 13.55 -9.28 -9.18
C PRO B 107 13.64 -9.20 -7.67
N LEU B 108 14.78 -9.55 -7.11
CA LEU B 108 14.92 -9.53 -5.66
C LEU B 108 14.96 -8.12 -5.09
N GLU B 109 15.60 -7.21 -5.80
CA GLU B 109 15.63 -5.82 -5.42
C GLU B 109 14.25 -5.19 -5.50
N LYS B 110 13.51 -5.55 -6.55
CA LYS B 110 12.14 -5.11 -6.70
C LYS B 110 11.26 -5.59 -5.54
N GLY B 111 11.42 -6.85 -5.15
CA GLY B 111 10.66 -7.44 -4.06
C GLY B 111 10.95 -6.82 -2.71
N VAL B 112 12.24 -6.55 -2.46
CA VAL B 112 12.69 -6.10 -1.15
C VAL B 112 12.34 -4.63 -0.98
N ILE B 113 12.53 -3.84 -2.02
CA ILE B 113 12.21 -2.42 -1.96
C ILE B 113 10.70 -2.20 -1.78
N HIS B 114 9.89 -2.95 -2.51
CA HIS B 114 8.43 -2.90 -2.36
C HIS B 114 7.97 -3.36 -1.00
N MET B 115 8.60 -4.39 -0.44
CA MET B 115 8.24 -4.84 0.89
C MET B 115 8.49 -3.75 1.95
N MET B 116 9.66 -3.10 1.87
CA MET B 116 10.06 -2.15 2.92
C MET B 116 9.37 -0.82 2.69
N ASN B 117 9.03 -0.52 1.45
CA ASN B 117 8.20 0.66 1.13
C ASN B 117 6.81 0.55 1.73
N LYS B 118 6.19 -0.61 1.50
CA LYS B 118 4.85 -0.88 1.98
C LYS B 118 4.86 -0.93 3.50
N ARG B 119 5.86 -1.62 4.06
CA ARG B 119 6.05 -1.63 5.52
C ARG B 119 6.27 -0.23 6.12
N ALA B 120 7.02 0.62 5.41
CA ALA B 120 7.21 2.02 5.80
C ALA B 120 5.89 2.81 5.85
N GLU B 121 5.05 2.63 4.83
CA GLU B 121 3.70 3.16 4.84
C GLU B 121 2.88 2.59 6.00
N LEU B 122 2.81 1.25 6.06
CA LEU B 122 2.00 0.55 7.07
C LEU B 122 2.34 0.85 8.50
N GLU B 123 3.63 0.87 8.80
CA GLU B 123 4.03 0.90 10.23
C GLU B 123 4.51 2.24 10.75
N LEU B 124 4.63 3.21 9.84
CA LEU B 124 5.11 4.56 10.21
C LEU B 124 4.30 5.69 9.58
N LEU B 125 4.44 5.90 8.29
CA LEU B 125 3.79 7.03 7.62
C LEU B 125 2.24 7.07 7.70
N ASP B 126 1.55 5.98 7.34
CA ASP B 126 0.08 5.96 7.42
C ASP B 126 -0.42 6.18 8.85
N PRO B 127 0.14 5.47 9.83
CA PRO B 127 -0.34 5.66 11.19
C PRO B 127 -0.15 7.11 11.70
N VAL B 128 0.98 7.74 11.33
CA VAL B 128 1.18 9.12 11.72
C VAL B 128 0.07 9.97 11.11
N SER B 129 -0.24 9.72 9.85
CA SER B 129 -1.27 10.48 9.12
C SER B 129 -2.70 10.24 9.69
N VAL B 130 -2.96 9.01 10.14
CA VAL B 130 -4.26 8.66 10.74
C VAL B 130 -4.36 9.28 12.13
N TYR B 131 -3.27 9.23 12.88
CA TYR B 131 -3.21 9.92 14.19
C TYR B 131 -3.50 11.42 14.04
N PHE B 132 -2.81 12.07 13.11
CA PHE B 132 -3.10 13.46 12.75
C PHE B 132 -4.58 13.77 12.46
N HIS B 133 -5.21 13.00 11.57
CA HIS B 133 -6.59 13.30 11.19
C HIS B 133 -7.66 12.89 12.20
N HIS B 134 -7.34 11.96 13.11
CA HIS B 134 -8.35 11.39 14.04
C HIS B 134 -8.21 11.67 15.53
N ALA B 135 -6.98 11.85 16.01
CA ALA B 135 -6.76 12.06 17.42
C ALA B 135 -6.30 13.49 17.71
N THR B 136 -5.89 14.22 16.68
CA THR B 136 -5.61 15.65 16.80
C THR B 136 -6.68 16.37 15.99
N PRO B 137 -6.79 17.71 16.11
CA PRO B 137 -7.78 18.41 15.23
C PRO B 137 -7.56 18.21 13.71
N GLY B 138 -6.34 17.82 13.31
CA GLY B 138 -6.04 17.64 11.90
C GLY B 138 -6.18 18.88 11.03
N LEU B 139 -6.94 18.75 9.95
CA LEU B 139 -7.21 19.84 9.03
C LEU B 139 -8.29 20.79 9.55
N GLY B 140 -8.85 20.45 10.70
CA GLY B 140 -9.78 21.32 11.42
C GLY B 140 -11.21 20.81 11.39
N PRO B 141 -12.04 21.27 12.35
CA PRO B 141 -13.40 20.77 12.49
C PRO B 141 -14.24 20.94 11.23
N GLU B 142 -13.83 21.76 10.29
CA GLU B 142 -14.59 21.88 9.02
C GLU B 142 -14.25 20.83 7.96
N VAL B 143 -13.06 20.21 8.05
CA VAL B 143 -12.66 19.24 7.02
C VAL B 143 -12.81 17.81 7.52
N GLU B 144 -12.50 17.61 8.81
CA GLU B 144 -12.58 16.32 9.45
C GLU B 144 -13.98 16.06 10.02
N LEU B 145 -14.88 15.54 9.21
CA LEU B 145 -16.28 15.38 9.63
C LEU B 145 -16.43 14.29 10.67
N TYR B 146 -15.77 13.16 10.46
CA TYR B 146 -15.77 12.11 11.46
C TYR B 146 -14.35 11.94 11.97
N GLN B 147 -14.23 11.95 13.29
CA GLN B 147 -12.96 11.68 13.95
C GLN B 147 -13.18 10.53 14.90
N ASN B 148 -12.26 9.56 14.86
CA ASN B 148 -12.25 8.47 15.82
C ASN B 148 -11.00 8.62 16.67
N LYS B 149 -11.11 9.35 17.77
CA LYS B 149 -9.98 9.63 18.67
C LYS B 149 -9.21 8.35 19.05
N GLU B 150 -9.93 7.35 19.53
CA GLU B 150 -9.33 6.12 20.07
C GLU B 150 -8.60 5.34 18.97
N TRP B 151 -9.12 5.40 17.75
CA TRP B 151 -8.46 4.80 16.62
C TRP B 151 -7.15 5.55 16.29
N GLY B 152 -7.22 6.88 16.19
CA GLY B 152 -6.03 7.69 15.97
C GLY B 152 -4.93 7.45 16.99
N LEU B 153 -5.31 7.22 18.24
CA LEU B 153 -4.35 6.91 19.30
C LEU B 153 -3.72 5.54 19.14
N ARG B 154 -4.49 4.60 18.57
CA ARG B 154 -3.98 3.23 18.36
C ARG B 154 -2.93 3.30 17.25
N GLN B 155 -3.23 4.11 16.23
CA GLN B 155 -2.28 4.36 15.16
C GLN B 155 -1.04 5.17 15.59
N ARG B 156 -1.15 6.07 16.56
CA ARG B 156 0.01 6.73 17.16
C ARG B 156 0.91 5.68 17.79
N ASP B 157 0.33 4.82 18.61
CA ASP B 157 1.06 3.74 19.27
C ASP B 157 1.79 2.82 18.27
N LYS B 158 1.14 2.61 17.12
CA LYS B 158 1.67 1.79 16.06
C LYS B 158 2.84 2.46 15.35
N ALA B 159 2.72 3.76 15.08
CA ALA B 159 3.84 4.57 14.56
C ALA B 159 5.06 4.55 15.53
N LEU B 160 4.82 4.68 16.83
CA LEU B 160 5.91 4.62 17.83
C LEU B 160 6.67 3.30 17.75
N HIS B 161 5.93 2.18 17.69
CA HIS B 161 6.53 0.83 17.54
C HIS B 161 7.23 0.79 16.22
N GLY B 162 6.68 1.48 15.24
CA GLY B 162 7.26 1.45 13.88
C GLY B 162 8.61 2.16 13.80
N MET B 163 8.76 3.20 14.60
CA MET B 163 9.99 3.94 14.73
C MET B 163 11.08 3.03 15.29
N HIS B 164 10.78 2.33 16.39
CA HIS B 164 11.66 1.30 16.94
C HIS B 164 12.04 0.28 15.88
N TYR B 165 11.08 -0.15 15.04
CA TYR B 165 11.36 -1.17 14.06
C TYR B 165 12.39 -0.67 13.07
N PHE B 166 12.17 0.52 12.52
CA PHE B 166 13.13 1.05 11.55
C PHE B 166 14.47 1.36 12.14
N ASP B 167 14.51 1.62 13.44
CA ASP B 167 15.77 1.83 14.14
C ASP B 167 16.64 0.56 14.13
N THR B 168 16.03 -0.60 14.39
CA THR B 168 16.75 -1.88 14.34
C THR B 168 17.18 -2.25 12.91
N VAL B 169 16.42 -1.81 11.91
CA VAL B 169 16.78 -2.07 10.53
C VAL B 169 18.01 -1.25 10.19
N LEU B 170 17.92 0.05 10.48
CA LEU B 170 19.00 0.99 10.19
C LEU B 170 20.21 0.87 11.16
N ARG B 171 20.09 0.03 12.18
CA ARG B 171 21.26 -0.43 12.94
C ARG B 171 22.15 -1.29 12.02
N GLU B 172 21.53 -2.25 11.29
CA GLU B 172 22.22 -3.25 10.43
C GLU B 172 22.64 -2.73 9.06
N ARG B 173 21.91 -1.74 8.53
CA ARG B 173 22.10 -1.29 7.16
C ARG B 173 22.07 0.23 7.06
N PRO B 174 22.69 0.82 5.99
CA PRO B 174 22.63 2.26 5.78
C PRO B 174 21.32 2.73 5.11
N TYR B 175 20.71 1.85 4.31
CA TYR B 175 19.41 2.09 3.71
C TYR B 175 18.42 0.99 4.07
N VAL B 176 17.13 1.35 4.05
CA VAL B 176 16.07 0.51 4.62
C VAL B 176 15.89 -0.82 3.88
N ALA B 177 16.26 -0.83 2.61
CA ALA B 177 16.06 -1.99 1.76
C ALA B 177 17.36 -2.56 1.23
N GLY B 178 18.49 -2.16 1.80
CA GLY B 178 19.78 -2.71 1.36
C GLY B 178 20.88 -1.70 1.34
N ASP B 179 21.76 -1.81 0.33
CA ASP B 179 22.89 -0.89 0.31
C ASP B 179 22.76 0.32 -0.63
N SER B 180 21.56 0.53 -1.16
CA SER B 180 21.27 1.76 -1.91
C SER B 180 19.97 2.45 -1.52
N PHE B 181 19.99 3.76 -1.66
CA PHE B 181 18.82 4.64 -1.48
C PHE B 181 17.72 4.18 -2.42
N SER B 182 16.51 4.09 -1.89
CA SER B 182 15.35 3.61 -2.66
C SER B 182 14.07 4.36 -2.28
N MET B 183 13.01 4.07 -3.01
CA MET B 183 11.66 4.56 -2.71
C MET B 183 11.33 4.35 -1.24
N ALA B 184 11.80 3.23 -0.69
CA ALA B 184 11.52 2.88 0.71
C ALA B 184 12.16 3.85 1.74
N ASP B 185 13.34 4.35 1.41
CA ASP B 185 13.97 5.37 2.23
C ASP B 185 13.18 6.68 2.17
N ILE B 186 12.65 6.98 0.99
CA ILE B 186 11.87 8.20 0.78
C ILE B 186 10.63 8.18 1.69
N THR B 187 10.01 6.99 1.80
CA THR B 187 8.80 6.83 2.60
C THR B 187 9.07 7.01 4.10
N VAL B 188 10.16 6.43 4.58
CA VAL B 188 10.59 6.60 5.99
C VAL B 188 10.88 8.07 6.31
N ILE B 189 11.67 8.73 5.44
CA ILE B 189 11.85 10.17 5.52
C ILE B 189 10.49 10.91 5.63
N ALA B 190 9.57 10.69 4.70
CA ALA B 190 8.24 11.33 4.77
C ALA B 190 7.49 11.03 6.05
N GLY B 191 7.58 9.78 6.51
CA GLY B 191 7.01 9.43 7.80
C GLY B 191 7.59 10.29 8.91
N LEU B 192 8.90 10.49 8.91
CA LEU B 192 9.52 11.30 10.00
C LEU B 192 9.27 12.80 9.75
N ILE B 193 9.11 13.22 8.49
CA ILE B 193 8.63 14.57 8.22
C ILE B 193 7.26 14.81 8.88
N PHE B 194 6.37 13.82 8.76
CA PHE B 194 5.02 13.95 9.31
C PHE B 194 5.05 13.92 10.83
N ALA B 195 5.84 13.03 11.40
CA ALA B 195 5.96 12.93 12.86
C ALA B 195 6.52 14.23 13.46
N ALA B 196 7.48 14.86 12.77
CA ALA B 196 8.03 16.15 13.19
C ALA B 196 6.95 17.23 13.17
N ILE B 197 6.11 17.20 12.13
CA ILE B 197 5.00 18.14 11.97
C ILE B 197 3.99 18.09 13.10
N VAL B 198 3.68 16.89 13.59
CA VAL B 198 2.66 16.70 14.63
C VAL B 198 3.32 16.49 15.99
N LYS B 199 4.64 16.62 16.02
CA LYS B 199 5.40 16.59 17.28
C LYS B 199 5.28 15.26 18.02
N LEU B 200 5.20 14.18 17.27
CA LEU B 200 5.33 12.84 17.84
C LEU B 200 6.81 12.49 17.84
N GLN B 201 7.40 12.52 19.02
CA GLN B 201 8.83 12.43 19.13
C GLN B 201 9.33 11.02 18.83
N VAL B 202 10.36 10.94 17.99
CA VAL B 202 11.19 9.75 17.89
C VAL B 202 11.82 9.48 19.28
N PRO B 203 11.57 8.30 19.86
CA PRO B 203 12.12 8.01 21.17
C PRO B 203 13.66 8.10 21.21
N GLU B 204 14.14 8.64 22.31
CA GLU B 204 15.57 8.83 22.56
C GLU B 204 16.39 7.58 22.25
N GLU B 205 15.88 6.43 22.69
CA GLU B 205 16.54 5.16 22.48
C GLU B 205 16.68 4.72 21.00
N CYS B 206 15.99 5.40 20.09
CA CYS B 206 16.16 5.14 18.65
C CYS B 206 17.24 6.03 18.03
N GLU B 207 18.48 5.87 18.48
CA GLU B 207 19.58 6.71 18.02
C GLU B 207 19.95 6.53 16.55
N ALA B 208 19.95 5.28 16.06
CA ALA B 208 20.20 5.02 14.64
C ALA B 208 19.19 5.69 13.71
N LEU B 209 17.90 5.55 14.02
CA LEU B 209 16.86 6.25 13.22
C LEU B 209 17.02 7.79 13.16
N ARG B 210 17.30 8.39 14.31
CA ARG B 210 17.46 9.85 14.47
C ARG B 210 18.66 10.38 13.72
N ALA B 211 19.84 9.76 13.92
CA ALA B 211 21.03 10.11 13.13
C ALA B 211 20.80 9.98 11.64
N TRP B 212 20.29 8.83 11.21
CA TRP B 212 19.98 8.56 9.79
C TRP B 212 19.08 9.66 9.25
N TYR B 213 18.09 10.06 10.04
CA TYR B 213 17.15 11.08 9.56
C TYR B 213 17.81 12.44 9.34
N LYS B 214 18.58 12.91 10.33
CA LYS B 214 19.35 14.14 10.22
C LYS B 214 20.33 14.12 9.06
N ARG B 215 20.92 12.96 8.76
CA ARG B 215 21.72 12.81 7.53
C ARG B 215 20.88 12.90 6.28
N MET B 216 19.71 12.27 6.31
CA MET B 216 18.84 12.26 5.12
C MET B 216 18.36 13.68 4.78
N GLN B 217 18.14 14.51 5.80
CA GLN B 217 17.75 15.90 5.59
C GLN B 217 18.79 16.75 4.81
N GLN B 218 19.99 16.21 4.59
CA GLN B 218 21.08 16.89 3.89
C GLN B 218 21.30 16.29 2.51
N ARG B 219 20.61 15.19 2.21
CA ARG B 219 20.66 14.64 0.85
C ARG B 219 20.07 15.70 -0.11
N PRO B 220 20.72 15.96 -1.26
CA PRO B 220 20.32 17.07 -2.14
C PRO B 220 18.82 17.08 -2.50
N SER B 221 18.28 15.91 -2.78
CA SER B 221 16.85 15.74 -3.08
C SER B 221 15.95 16.16 -1.89
N VAL B 222 16.38 15.89 -0.67
CA VAL B 222 15.60 16.20 0.51
C VAL B 222 15.85 17.65 0.92
N LYS B 223 17.12 18.05 0.91
CA LYS B 223 17.54 19.39 1.28
C LYS B 223 16.76 20.45 0.51
N LYS B 224 16.71 20.30 -0.82
CA LYS B 224 16.00 21.26 -1.70
C LYS B 224 14.55 21.42 -1.29
N LEU B 225 13.92 20.31 -0.96
CA LEU B 225 12.54 20.28 -0.53
C LEU B 225 12.27 21.12 0.71
N LEU B 226 13.01 20.86 1.80
CA LEU B 226 12.74 21.48 3.11
C LEU B 226 12.94 23.01 3.08
N1 GTS C . 0.06 -8.96 2.89
CA1 GTS C . -1.13 -8.18 3.15
C1 GTS C . -0.76 -6.87 2.68
O11 GTS C . -0.54 -6.00 3.58
O12 GTS C . -0.74 -6.79 1.43
CB1 GTS C . -1.68 -8.08 4.60
CG1 GTS C . -2.14 -9.53 4.80
CD1 GTS C . -3.30 -9.79 5.73
OE1 GTS C . -3.93 -8.91 6.30
N2 GTS C . -3.54 -11.08 5.81
CA2 GTS C . -4.51 -11.66 6.72
C2 GTS C . -3.99 -11.62 8.10
O2 GTS C . -2.87 -12.01 8.36
CB2 GTS C . -4.75 -13.10 6.30
SG2 GTS C . -6.28 -13.31 5.69
O1S GTS C . -6.48 -14.77 5.55
O2S GTS C . -6.42 -12.71 4.36
O3S GTS C . -7.26 -12.73 6.64
N3 GTS C . -4.85 -11.17 9.00
CA3 GTS C . -4.75 -11.59 10.38
C3 GTS C . -4.92 -10.43 11.27
O31 GTS C . -5.12 -9.30 10.74
O32 GTS C . -4.91 -10.65 12.49
N1 GTS D . -0.06 8.92 -2.31
CA1 GTS D . -1.13 8.82 -1.35
C1 GTS D . -0.96 7.51 -0.65
O11 GTS D . -2.01 6.96 -0.14
O12 GTS D . 0.20 7.05 -0.64
CB1 GTS D . -1.10 10.03 -0.38
CG1 GTS D . -2.06 9.88 0.79
CD1 GTS D . -2.24 11.10 1.67
OE1 GTS D . -2.78 10.87 2.75
N2 GTS D . -1.87 12.38 1.31
CA2 GTS D . -2.20 13.53 2.17
C2 GTS D . -3.66 13.93 2.08
O2 GTS D . -4.15 14.24 1.01
CB2 GTS D . -1.32 14.76 1.88
SG2 GTS D . -0.36 15.28 3.17
O1S GTS D . 0.13 16.62 2.83
O2S GTS D . 0.80 14.37 3.26
O3S GTS D . -1.06 15.27 4.46
N3 GTS D . -4.41 13.96 3.19
CA3 GTS D . -5.72 14.58 3.16
C3 GTS D . -6.73 13.94 4.10
O31 GTS D . -6.51 12.82 4.61
O32 GTS D . -7.77 14.61 4.32
#